data_1ZJI
#
_entry.id   1ZJI
#
_cell.length_a   84.741
_cell.length_b   84.741
_cell.length_c   160.600
_cell.angle_alpha   90.00
_cell.angle_beta   90.00
_cell.angle_gamma   120.00
#
_symmetry.space_group_name_H-M   'P 31 2 1'
#
loop_
_entity.id
_entity.type
_entity.pdbx_description
1 polymer '2-dehydro-3-deoxyphosphooctonate aldolase'
2 non-polymer RIBOSE-5-PHOSPHATE
3 non-polymer 'CADMIUM ION'
4 non-polymer '2-PHOSPHOGLYCERIC ACID'
5 non-polymer 'PHOSPHATE ION'
6 water water
#
_entity_poly.entity_id   1
_entity_poly.type   'polypeptide(L)'
_entity_poly.pdbx_seq_one_letter_code
;MEKFLVIAGPCAIESEELLLKVGEEIKRLSEKFKEVEFVFKSSFDKANRSSIHSFRGHGLEYGVKALRKVKEEFGLKITT
DIHESWQAEPVAEVADIIQIPAFLCGQTDLLLAAAKTGRAVNVKKGQFLAPWDTKNVVEKLKFGGAKEIYLTERGTTFGY
NNLVVDFRSLPIMKQWAKVIYDATHSVQLPGGLGDKSGGMREFIFPLIRAAVAVGCDGVFMETHPEPEKALSDASTQLPL
SQLEGIIEAILEIREVASKYYETIPVK
;
_entity_poly.pdbx_strand_id   A,B
#
# COMPACT_ATOMS: atom_id res chain seq x y z
N GLU A 2 16.78 21.84 -18.75
CA GLU A 2 17.32 21.18 -17.52
C GLU A 2 17.90 19.81 -17.86
N LYS A 3 18.56 19.18 -16.90
CA LYS A 3 19.17 17.87 -17.12
C LYS A 3 18.22 16.70 -16.91
N PHE A 4 18.03 15.90 -17.96
CA PHE A 4 17.13 14.75 -17.93
C PHE A 4 17.69 13.67 -17.02
N LEU A 5 16.83 13.05 -16.22
CA LEU A 5 17.28 12.01 -15.28
C LEU A 5 16.95 10.59 -15.75
N VAL A 6 17.95 9.70 -15.74
CA VAL A 6 17.70 8.31 -16.13
C VAL A 6 18.06 7.42 -14.95
N ILE A 7 17.06 6.78 -14.37
CA ILE A 7 17.25 5.87 -13.25
C ILE A 7 17.18 4.43 -13.78
N ALA A 8 18.27 3.69 -13.66
CA ALA A 8 18.29 2.32 -14.18
C ALA A 8 19.11 1.36 -13.34
N GLY A 9 18.82 0.07 -13.48
CA GLY A 9 19.56 -0.92 -12.74
C GLY A 9 18.74 -2.18 -12.70
N PRO A 10 19.24 -3.26 -12.10
CA PRO A 10 18.50 -4.52 -12.02
C PRO A 10 17.47 -4.38 -10.91
N CYS A 11 16.32 -5.04 -11.08
CA CYS A 11 15.26 -4.97 -10.09
C CYS A 11 15.77 -5.30 -8.69
N ALA A 12 16.42 -6.44 -8.56
CA ALA A 12 16.93 -6.86 -7.25
C ALA A 12 18.42 -7.10 -7.28
N ILE A 13 19.06 -6.80 -6.16
CA ILE A 13 20.50 -7.02 -6.02
C ILE A 13 20.70 -8.52 -5.87
N GLU A 14 20.64 -9.21 -7.01
CA GLU A 14 20.82 -10.66 -7.05
C GLU A 14 22.18 -11.06 -6.50
N SER A 15 23.19 -10.27 -6.83
CA SER A 15 24.56 -10.52 -6.38
C SER A 15 25.37 -9.26 -6.61
N GLU A 16 26.45 -9.10 -5.86
CA GLU A 16 27.29 -7.93 -6.01
C GLU A 16 27.93 -7.94 -7.41
N GLU A 17 28.00 -9.12 -8.01
CA GLU A 17 28.59 -9.24 -9.34
C GLU A 17 27.65 -8.63 -10.39
N LEU A 18 26.40 -9.05 -10.38
CA LEU A 18 25.40 -8.53 -11.32
C LEU A 18 25.39 -7.00 -11.28
N LEU A 19 25.52 -6.45 -10.09
CA LEU A 19 25.52 -5.01 -9.91
C LEU A 19 26.65 -4.29 -10.64
N LEU A 20 27.87 -4.82 -10.52
CA LEU A 20 29.03 -4.21 -11.19
C LEU A 20 28.90 -4.36 -12.70
N LYS A 21 28.31 -5.46 -13.14
CA LYS A 21 28.12 -5.72 -14.56
C LYS A 21 27.24 -4.65 -15.17
N VAL A 22 26.08 -4.42 -14.57
CA VAL A 22 25.15 -3.41 -15.06
C VAL A 22 25.71 -2.02 -14.83
N GLY A 23 26.42 -1.87 -13.70
CA GLY A 23 27.01 -0.58 -13.36
C GLY A 23 28.00 -0.11 -14.41
N GLU A 24 28.75 -1.06 -14.96
CA GLU A 24 29.74 -0.75 -15.98
C GLU A 24 29.05 -0.17 -17.22
N GLU A 25 27.98 -0.81 -17.66
CA GLU A 25 27.26 -0.33 -18.83
C GLU A 25 26.66 1.05 -18.56
N ILE A 26 26.14 1.26 -17.36
CA ILE A 26 25.55 2.56 -17.02
C ILE A 26 26.64 3.62 -16.98
N LYS A 27 27.81 3.23 -16.51
CA LYS A 27 28.95 4.14 -16.45
C LYS A 27 29.33 4.54 -17.88
N ARG A 28 29.37 3.58 -18.79
CA ARG A 28 29.72 3.86 -20.17
C ARG A 28 28.71 4.81 -20.81
N LEU A 29 27.43 4.57 -20.54
CA LEU A 29 26.39 5.42 -21.11
C LEU A 29 26.45 6.83 -20.51
N SER A 30 26.77 6.94 -19.23
CA SER A 30 26.86 8.26 -18.61
C SER A 30 27.97 9.08 -19.27
N GLU A 31 29.01 8.40 -19.75
CA GLU A 31 30.12 9.09 -20.42
C GLU A 31 29.71 9.54 -21.83
N LYS A 32 28.83 8.77 -22.46
CA LYS A 32 28.36 9.14 -23.80
C LYS A 32 27.26 10.19 -23.70
N PHE A 33 26.24 9.92 -22.89
CA PHE A 33 25.14 10.88 -22.73
C PHE A 33 25.39 11.85 -21.58
N LYS A 34 26.30 12.79 -21.81
CA LYS A 34 26.68 13.79 -20.82
C LYS A 34 25.55 14.73 -20.41
N GLU A 35 24.52 14.86 -21.25
CA GLU A 35 23.40 15.74 -20.93
C GLU A 35 22.36 15.00 -20.07
N VAL A 36 22.69 13.79 -19.66
CA VAL A 36 21.79 13.00 -18.83
C VAL A 36 22.39 12.77 -17.47
N GLU A 37 21.55 12.69 -16.44
CA GLU A 37 22.04 12.42 -15.10
C GLU A 37 21.60 10.99 -14.78
N PHE A 38 22.55 10.07 -14.73
CA PHE A 38 22.22 8.68 -14.44
C PHE A 38 22.24 8.39 -12.94
N VAL A 39 21.34 7.51 -12.50
CA VAL A 39 21.28 7.10 -11.11
C VAL A 39 21.11 5.59 -11.12
N PHE A 40 21.97 4.89 -10.40
CA PHE A 40 21.94 3.44 -10.36
C PHE A 40 20.90 2.99 -9.35
N LYS A 41 20.03 2.08 -9.76
CA LYS A 41 18.97 1.59 -8.90
C LYS A 41 18.95 0.08 -8.72
N SER A 42 18.62 -0.33 -7.51
CA SER A 42 18.50 -1.75 -7.19
C SER A 42 17.99 -1.91 -5.76
N SER A 43 17.00 -2.76 -5.59
CA SER A 43 16.41 -2.99 -4.27
C SER A 43 17.13 -4.07 -3.47
N PHE A 44 17.49 -3.75 -2.23
CA PHE A 44 18.18 -4.70 -1.37
C PHE A 44 17.17 -5.72 -0.85
N ASP A 45 15.88 -5.41 -1.05
CA ASP A 45 14.79 -6.29 -0.63
C ASP A 45 13.47 -6.06 -1.34
N LYS A 46 12.82 -7.17 -1.73
CA LYS A 46 11.52 -7.12 -2.38
C LYS A 46 10.55 -7.46 -1.25
N ALA A 47 10.13 -6.42 -0.52
CA ALA A 47 9.25 -6.57 0.63
C ALA A 47 7.79 -6.90 0.35
N ASN A 48 7.42 -7.09 -0.91
CA ASN A 48 6.03 -7.42 -1.20
C ASN A 48 5.82 -8.32 -2.42
N ARG A 49 6.59 -9.40 -2.49
CA ARG A 49 6.43 -10.35 -3.59
C ARG A 49 5.03 -10.97 -3.43
N SER A 50 4.48 -11.52 -4.51
CA SER A 50 3.16 -12.14 -4.43
C SER A 50 3.20 -13.35 -3.51
N SER A 51 4.07 -14.31 -3.85
CA SER A 51 4.21 -15.54 -3.08
C SER A 51 5.34 -15.45 -2.04
N ILE A 52 5.21 -16.25 -1.00
CA ILE A 52 6.20 -16.29 0.07
C ILE A 52 7.47 -17.01 -0.41
N HIS A 53 7.33 -17.85 -1.42
CA HIS A 53 8.47 -18.62 -1.95
C HIS A 53 9.32 -17.87 -2.98
N SER A 54 9.00 -16.61 -3.25
CA SER A 54 9.76 -15.83 -4.23
C SER A 54 10.99 -15.13 -3.65
N PHE A 55 11.98 -14.87 -4.49
CA PHE A 55 13.21 -14.21 -4.07
C PHE A 55 12.94 -12.86 -3.41
N ARG A 56 13.65 -12.56 -2.32
CA ARG A 56 13.47 -11.29 -1.63
C ARG A 56 14.74 -10.43 -1.66
N GLY A 57 15.85 -11.02 -1.25
CA GLY A 57 17.11 -10.28 -1.24
C GLY A 57 18.13 -10.91 -0.30
N HIS A 58 19.29 -10.27 -0.18
CA HIS A 58 20.35 -10.78 0.69
C HIS A 58 20.51 -9.96 1.97
N GLY A 59 19.50 -9.16 2.28
CA GLY A 59 19.56 -8.35 3.49
C GLY A 59 19.97 -6.91 3.26
N LEU A 60 19.58 -6.03 4.19
CA LEU A 60 19.90 -4.61 4.12
C LEU A 60 21.41 -4.38 4.16
N GLU A 61 22.09 -5.02 5.12
CA GLU A 61 23.54 -4.87 5.26
C GLU A 61 24.28 -5.20 3.96
N TYR A 62 24.01 -6.38 3.40
CA TYR A 62 24.66 -6.81 2.17
C TYR A 62 24.36 -5.88 1.00
N GLY A 63 23.08 -5.55 0.83
CA GLY A 63 22.66 -4.68 -0.25
C GLY A 63 23.32 -3.31 -0.22
N VAL A 64 23.31 -2.66 0.94
CA VAL A 64 23.92 -1.34 1.08
C VAL A 64 25.40 -1.46 0.73
N LYS A 65 25.99 -2.58 1.10
CA LYS A 65 27.41 -2.83 0.83
C LYS A 65 27.69 -2.94 -0.67
N ALA A 66 26.83 -3.66 -1.38
CA ALA A 66 26.99 -3.83 -2.82
C ALA A 66 26.75 -2.52 -3.56
N LEU A 67 25.73 -1.79 -3.11
CA LEU A 67 25.39 -0.51 -3.72
C LEU A 67 26.56 0.46 -3.55
N ARG A 68 27.23 0.37 -2.41
CA ARG A 68 28.37 1.23 -2.14
C ARG A 68 29.53 0.91 -3.09
N LYS A 69 29.75 -0.38 -3.35
CA LYS A 69 30.81 -0.78 -4.26
C LYS A 69 30.57 -0.16 -5.62
N VAL A 70 29.32 -0.16 -6.08
CA VAL A 70 28.96 0.43 -7.36
C VAL A 70 29.29 1.91 -7.38
N LYS A 71 28.83 2.63 -6.36
CA LYS A 71 29.07 4.07 -6.26
C LYS A 71 30.55 4.37 -6.18
N GLU A 72 31.27 3.49 -5.51
CA GLU A 72 32.70 3.66 -5.31
C GLU A 72 33.48 3.38 -6.58
N GLU A 73 33.12 2.31 -7.29
CA GLU A 73 33.82 1.90 -8.50
C GLU A 73 33.47 2.65 -9.79
N PHE A 74 32.24 3.17 -9.88
CA PHE A 74 31.81 3.86 -11.09
C PHE A 74 31.46 5.32 -10.89
N GLY A 75 31.49 5.78 -9.64
CA GLY A 75 31.16 7.18 -9.36
C GLY A 75 29.75 7.56 -9.77
N LEU A 76 28.82 6.63 -9.64
CA LEU A 76 27.42 6.87 -10.02
C LEU A 76 26.53 7.12 -8.80
N LYS A 77 25.55 8.01 -8.95
CA LYS A 77 24.63 8.27 -7.86
C LYS A 77 23.85 6.99 -7.58
N ILE A 78 23.34 6.83 -6.37
CA ILE A 78 22.61 5.61 -6.02
C ILE A 78 21.21 5.88 -5.48
N THR A 79 20.30 4.94 -5.73
CA THR A 79 18.94 5.04 -5.20
C THR A 79 18.46 3.63 -4.90
N THR A 80 17.71 3.49 -3.80
CA THR A 80 17.14 2.21 -3.41
C THR A 80 15.89 2.56 -2.60
N ASP A 81 15.00 1.59 -2.43
CA ASP A 81 13.78 1.85 -1.70
C ASP A 81 13.77 1.28 -0.29
N ILE A 82 12.98 1.89 0.59
CA ILE A 82 12.86 1.43 1.98
C ILE A 82 11.45 0.98 2.23
N HIS A 83 11.27 0.10 3.21
CA HIS A 83 9.95 -0.41 3.50
C HIS A 83 9.48 -0.12 4.91
N GLU A 84 10.41 0.30 5.77
CA GLU A 84 10.10 0.66 7.15
C GLU A 84 10.99 1.81 7.60
N SER A 85 10.44 2.68 8.45
CA SER A 85 11.15 3.86 8.95
C SER A 85 12.59 3.67 9.39
N TRP A 86 12.87 2.61 10.11
CA TRP A 86 14.23 2.37 10.59
C TRP A 86 15.28 2.18 9.49
N GLN A 87 14.85 1.81 8.30
CA GLN A 87 15.80 1.59 7.21
C GLN A 87 16.30 2.89 6.58
N ALA A 88 15.60 3.99 6.84
CA ALA A 88 15.95 5.29 6.28
C ALA A 88 17.38 5.74 6.60
N GLU A 89 17.74 5.74 7.87
CA GLU A 89 19.08 6.17 8.29
C GLU A 89 20.23 5.37 7.68
N PRO A 90 20.23 4.04 7.84
CA PRO A 90 21.33 3.27 7.26
C PRO A 90 21.41 3.39 5.74
N VAL A 91 20.25 3.37 5.09
CA VAL A 91 20.18 3.47 3.64
C VAL A 91 20.69 4.81 3.12
N ALA A 92 20.43 5.88 3.87
CA ALA A 92 20.86 7.22 3.46
C ALA A 92 22.38 7.36 3.43
N GLU A 93 23.09 6.39 4.00
CA GLU A 93 24.54 6.46 4.01
C GLU A 93 25.16 6.14 2.66
N VAL A 94 24.36 5.62 1.73
CA VAL A 94 24.86 5.28 0.40
C VAL A 94 23.92 5.81 -0.70
N ALA A 95 22.64 5.91 -0.39
CA ALA A 95 21.65 6.37 -1.36
C ALA A 95 21.51 7.89 -1.49
N ASP A 96 21.61 8.36 -2.73
CA ASP A 96 21.48 9.78 -3.03
C ASP A 96 19.98 10.10 -3.10
N ILE A 97 19.21 9.10 -3.50
CA ILE A 97 17.76 9.24 -3.61
C ILE A 97 17.10 8.06 -2.90
N ILE A 98 16.24 8.36 -1.93
CA ILE A 98 15.54 7.30 -1.21
C ILE A 98 14.20 7.14 -1.91
N GLN A 99 13.89 5.92 -2.30
CA GLN A 99 12.66 5.64 -3.00
C GLN A 99 11.60 5.05 -2.09
N ILE A 100 10.37 5.53 -2.25
CA ILE A 100 9.24 5.05 -1.46
C ILE A 100 8.36 4.18 -2.35
N PRO A 101 8.13 2.92 -1.98
CA PRO A 101 7.31 1.99 -2.75
C PRO A 101 5.87 2.50 -3.00
N ALA A 102 5.32 2.11 -4.13
CA ALA A 102 3.97 2.52 -4.50
C ALA A 102 2.93 2.26 -3.40
N PHE A 103 2.90 1.02 -2.88
CA PHE A 103 1.93 0.68 -1.84
C PHE A 103 2.10 1.50 -0.55
N LEU A 104 3.30 2.06 -0.36
CA LEU A 104 3.59 2.82 0.85
C LEU A 104 3.60 4.33 0.71
N CYS A 105 3.23 4.82 -0.47
CA CYS A 105 3.24 6.25 -0.72
C CYS A 105 2.43 7.10 0.25
N GLY A 106 1.58 6.44 1.04
CA GLY A 106 0.77 7.18 2.01
C GLY A 106 1.22 7.08 3.47
N GLN A 107 2.16 6.19 3.75
CA GLN A 107 2.67 5.97 5.10
C GLN A 107 3.47 7.15 5.63
N THR A 108 2.81 8.02 6.37
CA THR A 108 3.43 9.23 6.92
C THR A 108 4.77 9.06 7.61
N ASP A 109 4.94 8.00 8.41
CA ASP A 109 6.21 7.81 9.11
C ASP A 109 7.37 7.44 8.18
N LEU A 110 7.08 6.64 7.16
CA LEU A 110 8.11 6.23 6.21
C LEU A 110 8.55 7.47 5.44
N LEU A 111 7.58 8.30 5.03
CA LEU A 111 7.89 9.53 4.33
C LEU A 111 8.76 10.47 5.19
N LEU A 112 8.38 10.62 6.46
CA LEU A 112 9.11 11.48 7.39
C LEU A 112 10.52 10.97 7.66
N ALA A 113 10.67 9.65 7.71
CA ALA A 113 11.96 9.05 7.97
C ALA A 113 12.89 9.36 6.81
N ALA A 114 12.36 9.25 5.59
CA ALA A 114 13.16 9.54 4.40
C ALA A 114 13.52 11.01 4.37
N ALA A 115 12.52 11.87 4.57
CA ALA A 115 12.74 13.32 4.52
C ALA A 115 13.83 13.89 5.41
N LYS A 116 13.94 13.41 6.65
CA LYS A 116 14.94 13.97 7.57
C LYS A 116 16.39 13.57 7.27
N THR A 117 16.60 12.54 6.46
CA THR A 117 17.96 12.11 6.13
C THR A 117 18.72 13.19 5.38
N GLY A 118 18.00 14.05 4.68
CA GLY A 118 18.65 15.09 3.90
C GLY A 118 18.80 14.66 2.44
N ARG A 119 18.57 13.37 2.17
CA ARG A 119 18.67 12.83 0.82
C ARG A 119 17.45 13.20 0.00
N ALA A 120 17.54 13.01 -1.31
CA ALA A 120 16.42 13.29 -2.20
C ALA A 120 15.41 12.16 -2.04
N VAL A 121 14.13 12.46 -2.31
CA VAL A 121 13.11 11.43 -2.18
C VAL A 121 12.25 11.24 -3.42
N ASN A 122 12.07 9.99 -3.80
CA ASN A 122 11.26 9.64 -4.96
C ASN A 122 10.13 8.71 -4.52
N VAL A 123 8.91 9.19 -4.66
CA VAL A 123 7.74 8.41 -4.29
C VAL A 123 7.07 7.78 -5.50
N LYS A 124 6.87 6.48 -5.46
CA LYS A 124 6.17 5.80 -6.54
C LYS A 124 4.72 6.10 -6.26
N LYS A 125 4.00 6.67 -7.23
CA LYS A 125 2.59 6.96 -7.04
C LYS A 125 1.79 5.66 -6.99
N GLY A 126 1.12 5.45 -5.87
CA GLY A 126 0.32 4.24 -5.70
C GLY A 126 -0.69 4.03 -6.80
N GLN A 127 -0.91 2.75 -7.12
CA GLN A 127 -1.86 2.34 -8.16
C GLN A 127 -3.29 2.75 -7.81
N PHE A 128 -3.51 3.11 -6.56
CA PHE A 128 -4.84 3.52 -6.08
C PHE A 128 -4.99 5.03 -6.00
N LEU A 129 -3.88 5.73 -6.17
CA LEU A 129 -3.89 7.19 -6.03
C LEU A 129 -4.18 8.01 -7.29
N ALA A 130 -5.04 9.02 -7.14
CA ALA A 130 -5.35 9.93 -8.24
C ALA A 130 -4.14 10.86 -8.35
N PRO A 131 -3.90 11.44 -9.53
CA PRO A 131 -2.74 12.33 -9.68
C PRO A 131 -2.78 13.57 -8.78
N TRP A 132 -3.96 14.17 -8.64
CA TRP A 132 -4.07 15.36 -7.83
C TRP A 132 -3.94 15.11 -6.33
N ASP A 133 -3.97 13.85 -5.90
CA ASP A 133 -3.82 13.57 -4.48
C ASP A 133 -2.37 13.35 -4.05
N THR A 134 -1.43 13.52 -4.99
CA THR A 134 -0.02 13.38 -4.66
C THR A 134 0.42 14.71 -4.07
N LYS A 135 -0.42 15.72 -4.22
CA LYS A 135 -0.10 17.03 -3.69
C LYS A 135 0.20 16.96 -2.18
N ASN A 136 -0.58 16.17 -1.44
CA ASN A 136 -0.34 16.05 -0.01
C ASN A 136 0.87 15.18 0.32
N VAL A 137 1.22 14.27 -0.58
CA VAL A 137 2.39 13.43 -0.35
C VAL A 137 3.63 14.32 -0.36
N VAL A 138 3.61 15.32 -1.24
CA VAL A 138 4.73 16.23 -1.33
C VAL A 138 4.69 17.16 -0.12
N GLU A 139 3.50 17.61 0.27
CA GLU A 139 3.37 18.48 1.43
C GLU A 139 3.97 17.78 2.64
N LYS A 140 3.69 16.49 2.80
CA LYS A 140 4.26 15.75 3.94
C LYS A 140 5.78 15.80 3.89
N LEU A 141 6.34 15.50 2.73
CA LEU A 141 7.80 15.50 2.58
C LEU A 141 8.45 16.83 2.91
N LYS A 142 7.91 17.93 2.37
CA LYS A 142 8.49 19.23 2.67
C LYS A 142 8.46 19.48 4.18
N PHE A 143 7.32 19.14 4.79
CA PHE A 143 7.14 19.28 6.23
C PHE A 143 8.26 18.53 6.95
N GLY A 144 8.57 17.33 6.45
CA GLY A 144 9.61 16.51 7.05
C GLY A 144 11.04 16.89 6.69
N GLY A 145 11.19 17.95 5.88
CA GLY A 145 12.52 18.41 5.51
C GLY A 145 13.08 18.07 4.14
N ALA A 146 12.28 17.45 3.27
CA ALA A 146 12.77 17.10 1.93
C ALA A 146 12.80 18.32 1.02
N LYS A 147 13.96 18.58 0.42
CA LYS A 147 14.11 19.73 -0.48
C LYS A 147 14.16 19.29 -1.96
N GLU A 148 14.48 18.02 -2.19
CA GLU A 148 14.56 17.46 -3.55
C GLU A 148 13.57 16.30 -3.66
N ILE A 149 12.42 16.55 -4.28
CA ILE A 149 11.35 15.56 -4.38
C ILE A 149 10.92 15.14 -5.79
N TYR A 150 10.70 13.83 -5.96
CA TYR A 150 10.24 13.29 -7.24
C TYR A 150 8.99 12.43 -7.05
N LEU A 151 8.13 12.42 -8.07
CA LEU A 151 6.93 11.59 -8.09
C LEU A 151 7.05 10.67 -9.31
N THR A 152 6.85 9.38 -9.12
CA THR A 152 6.97 8.44 -10.21
C THR A 152 5.68 7.82 -10.67
N GLU A 153 5.39 7.98 -11.97
CA GLU A 153 4.20 7.42 -12.58
C GLU A 153 4.49 5.95 -12.87
N ARG A 154 3.68 5.05 -12.34
CA ARG A 154 3.90 3.62 -12.58
C ARG A 154 2.60 2.88 -12.86
N GLY A 155 1.61 3.62 -13.33
CA GLY A 155 0.34 3.00 -13.66
C GLY A 155 -0.72 3.07 -12.58
N THR A 156 -1.96 2.88 -13.00
CA THR A 156 -3.10 2.93 -12.09
C THR A 156 -3.93 1.68 -12.28
N THR A 157 -4.58 1.24 -11.21
CA THR A 157 -5.43 0.05 -11.26
C THR A 157 -6.56 0.26 -12.27
N PHE A 158 -6.67 -0.68 -13.20
CA PHE A 158 -7.67 -0.66 -14.27
C PHE A 158 -8.24 -2.08 -14.34
N GLY A 159 -9.31 -2.32 -13.61
CA GLY A 159 -9.87 -3.65 -13.56
C GLY A 159 -8.90 -4.52 -12.78
N TYR A 160 -9.07 -5.84 -12.86
CA TYR A 160 -8.17 -6.73 -12.13
C TYR A 160 -6.95 -7.11 -12.94
N ASN A 161 -5.83 -7.29 -12.24
CA ASN A 161 -4.58 -7.70 -12.86
C ASN A 161 -4.14 -6.87 -14.06
N ASN A 162 -4.42 -5.57 -14.05
CA ASN A 162 -4.01 -4.73 -15.16
C ASN A 162 -3.80 -3.28 -14.75
N LEU A 163 -2.84 -2.62 -15.37
CA LEU A 163 -2.58 -1.22 -15.08
C LEU A 163 -2.65 -0.41 -16.36
N VAL A 164 -3.10 0.84 -16.24
CA VAL A 164 -3.15 1.71 -17.39
C VAL A 164 -2.35 2.96 -17.02
N VAL A 165 -1.79 3.63 -18.02
CA VAL A 165 -1.05 4.86 -17.73
C VAL A 165 -1.90 6.01 -18.22
N ASP A 166 -2.34 6.86 -17.30
CA ASP A 166 -3.12 8.04 -17.61
C ASP A 166 -2.10 9.18 -17.69
N PHE A 167 -1.59 9.45 -18.90
CA PHE A 167 -0.56 10.47 -19.08
C PHE A 167 -0.94 11.88 -18.65
N ARG A 168 -2.21 12.08 -18.34
CA ARG A 168 -2.65 13.38 -17.86
C ARG A 168 -1.98 13.63 -16.52
N SER A 169 -1.50 12.56 -15.87
CA SER A 169 -0.87 12.69 -14.58
C SER A 169 0.48 13.41 -14.61
N LEU A 170 1.24 13.25 -15.70
CA LEU A 170 2.54 13.91 -15.79
C LEU A 170 2.41 15.43 -15.63
N PRO A 171 1.55 16.09 -16.44
CA PRO A 171 1.46 17.54 -16.23
C PRO A 171 0.79 17.93 -14.89
N ILE A 172 -0.04 17.06 -14.33
CA ILE A 172 -0.69 17.36 -13.05
C ILE A 172 0.29 17.31 -11.88
N MET A 173 0.99 16.19 -11.72
CA MET A 173 1.94 16.05 -10.63
C MET A 173 3.10 17.03 -10.76
N LYS A 174 3.35 17.48 -11.99
CA LYS A 174 4.43 18.41 -12.24
C LYS A 174 4.20 19.76 -11.54
N GLN A 175 2.96 20.00 -11.12
CA GLN A 175 2.62 21.24 -10.43
C GLN A 175 3.32 21.34 -9.08
N TRP A 176 3.65 20.19 -8.48
CA TRP A 176 4.29 20.21 -7.18
C TRP A 176 5.55 19.37 -7.00
N ALA A 177 6.04 18.75 -8.08
CA ALA A 177 7.27 17.96 -7.97
C ALA A 177 7.82 17.59 -9.33
N LYS A 178 9.07 17.13 -9.36
CA LYS A 178 9.66 16.68 -10.61
C LYS A 178 9.02 15.31 -10.86
N VAL A 179 8.72 15.01 -12.12
CA VAL A 179 8.06 13.75 -12.45
C VAL A 179 8.95 12.77 -13.20
N ILE A 180 8.87 11.51 -12.79
CA ILE A 180 9.65 10.43 -13.38
C ILE A 180 8.70 9.38 -13.93
N TYR A 181 8.91 8.94 -15.17
CA TYR A 181 8.06 7.90 -15.73
C TYR A 181 8.75 6.54 -15.59
N ASP A 182 8.09 5.61 -14.89
CA ASP A 182 8.61 4.26 -14.67
C ASP A 182 8.20 3.43 -15.91
N ALA A 183 9.14 3.18 -16.81
CA ALA A 183 8.84 2.44 -18.02
C ALA A 183 8.64 0.94 -17.84
N THR A 184 9.12 0.41 -16.73
CA THR A 184 9.03 -1.02 -16.48
C THR A 184 7.79 -1.54 -15.75
N HIS A 185 7.43 -0.92 -14.64
CA HIS A 185 6.27 -1.39 -13.88
C HIS A 185 4.91 -0.97 -14.44
N SER A 186 4.91 0.04 -15.30
CA SER A 186 3.67 0.53 -15.89
C SER A 186 3.04 -0.41 -16.93
N VAL A 187 3.80 -1.39 -17.39
CA VAL A 187 3.27 -2.33 -18.37
C VAL A 187 3.15 -3.71 -17.76
N GLN A 188 3.45 -3.80 -16.46
CA GLN A 188 3.35 -5.06 -15.73
C GLN A 188 1.89 -5.41 -15.49
N LEU A 189 1.61 -6.70 -15.34
CA LEU A 189 0.25 -7.16 -15.07
C LEU A 189 0.26 -7.74 -13.65
N PRO A 190 -0.22 -6.95 -12.67
CA PRO A 190 -0.27 -7.37 -11.25
C PRO A 190 -0.86 -8.77 -11.09
N GLY A 191 -0.08 -9.67 -10.49
CA GLY A 191 -0.53 -11.04 -10.27
C GLY A 191 -0.73 -11.83 -11.55
N GLY A 198 -2.13 -6.06 -21.26
CA GLY A 198 -1.13 -5.93 -22.31
C GLY A 198 0.01 -6.94 -22.19
N GLY A 199 0.56 -7.35 -23.33
CA GLY A 199 1.65 -8.31 -23.37
C GLY A 199 2.91 -7.89 -22.66
N MET A 200 2.82 -6.80 -21.89
CA MET A 200 3.93 -6.28 -21.11
C MET A 200 5.12 -5.70 -21.90
N ARG A 201 6.19 -6.49 -22.05
CA ARG A 201 7.41 -6.05 -22.73
C ARG A 201 7.28 -5.26 -24.03
N GLU A 202 6.43 -5.71 -24.94
CA GLU A 202 6.27 -5.05 -26.22
C GLU A 202 5.76 -3.61 -26.10
N PHE A 203 5.27 -3.22 -24.94
CA PHE A 203 4.76 -1.86 -24.75
C PHE A 203 5.69 -0.91 -24.03
N ILE A 204 6.77 -1.42 -23.47
CA ILE A 204 7.72 -0.56 -22.76
C ILE A 204 8.18 0.61 -23.61
N PHE A 205 8.74 0.32 -24.78
CA PHE A 205 9.28 1.37 -25.64
C PHE A 205 8.23 2.38 -26.16
N PRO A 206 7.08 1.89 -26.64
CA PRO A 206 6.13 2.92 -27.11
C PRO A 206 5.59 3.84 -26.00
N LEU A 207 5.27 3.30 -24.82
CA LEU A 207 4.77 4.14 -23.74
C LEU A 207 5.86 5.11 -23.28
N ILE A 208 7.10 4.65 -23.27
CA ILE A 208 8.21 5.51 -22.87
C ILE A 208 8.30 6.68 -23.86
N ARG A 209 8.01 6.45 -25.14
CA ARG A 209 8.06 7.52 -26.14
C ARG A 209 6.96 8.55 -25.82
N ALA A 210 5.79 8.03 -25.43
CA ALA A 210 4.66 8.87 -25.07
C ALA A 210 5.05 9.77 -23.89
N ALA A 211 5.66 9.16 -22.87
CA ALA A 211 6.09 9.89 -21.69
C ALA A 211 6.92 11.13 -22.04
N VAL A 212 7.97 10.92 -22.83
CA VAL A 212 8.83 12.05 -23.18
C VAL A 212 8.17 13.03 -24.13
N ALA A 213 7.20 12.56 -24.92
CA ALA A 213 6.50 13.44 -25.83
C ALA A 213 5.60 14.36 -24.97
N VAL A 214 4.93 13.77 -23.99
CA VAL A 214 4.09 14.54 -23.08
C VAL A 214 4.97 15.50 -22.30
N GLY A 215 6.09 14.97 -21.80
CA GLY A 215 7.04 15.75 -21.04
C GLY A 215 7.24 15.27 -19.61
N CYS A 216 8.46 14.93 -19.24
CA CYS A 216 8.74 14.51 -17.88
C CYS A 216 10.18 14.88 -17.57
N ASP A 217 10.60 14.72 -16.32
CA ASP A 217 11.96 15.09 -15.94
C ASP A 217 12.92 13.90 -15.87
N GLY A 218 12.40 12.71 -16.13
CA GLY A 218 13.25 11.53 -16.08
C GLY A 218 12.48 10.24 -16.28
N VAL A 219 13.20 9.16 -16.50
CA VAL A 219 12.57 7.88 -16.69
C VAL A 219 13.24 6.86 -15.81
N PHE A 220 12.50 5.82 -15.42
CA PHE A 220 13.01 4.76 -14.56
C PHE A 220 12.88 3.48 -15.39
N MET A 221 13.96 2.71 -15.48
CA MET A 221 13.95 1.46 -16.24
C MET A 221 14.75 0.36 -15.57
N GLU A 222 14.10 -0.76 -15.30
CA GLU A 222 14.80 -1.88 -14.69
C GLU A 222 15.45 -2.61 -15.86
N THR A 223 16.77 -2.75 -15.81
CA THR A 223 17.50 -3.43 -16.87
C THR A 223 18.32 -4.57 -16.30
N HIS A 224 18.41 -5.68 -17.03
CA HIS A 224 19.14 -6.85 -16.58
C HIS A 224 19.85 -7.49 -17.78
N PRO A 225 21.11 -7.94 -17.60
CA PRO A 225 21.88 -8.57 -18.67
C PRO A 225 21.11 -9.67 -19.40
N GLU A 226 20.38 -10.47 -18.63
CA GLU A 226 19.58 -11.56 -19.17
C GLU A 226 18.25 -11.60 -18.42
N PRO A 227 17.27 -10.79 -18.86
CA PRO A 227 15.96 -10.75 -18.21
C PRO A 227 15.36 -12.13 -18.00
N GLU A 228 15.64 -13.02 -18.94
CA GLU A 228 15.15 -14.40 -18.90
C GLU A 228 15.64 -15.16 -17.65
N LYS A 229 16.61 -14.59 -16.94
CA LYS A 229 17.17 -15.23 -15.76
C LYS A 229 17.08 -14.42 -14.47
N ALA A 230 16.47 -13.24 -14.53
CA ALA A 230 16.32 -12.40 -13.35
C ALA A 230 15.53 -13.13 -12.27
N LEU A 231 15.69 -12.72 -11.02
CA LEU A 231 14.98 -13.34 -9.91
C LEU A 231 13.67 -12.62 -9.62
N SER A 232 13.43 -11.54 -10.36
CA SER A 232 12.20 -10.77 -10.23
C SER A 232 12.02 -9.88 -11.45
N ASP A 233 10.76 -9.70 -11.88
CA ASP A 233 10.46 -8.88 -13.05
C ASP A 233 11.18 -9.36 -14.30
N ALA A 234 11.32 -10.68 -14.42
CA ALA A 234 12.01 -11.28 -15.57
C ALA A 234 11.36 -10.95 -16.91
N SER A 235 10.03 -10.86 -16.92
CA SER A 235 9.30 -10.57 -18.15
C SER A 235 9.20 -9.09 -18.51
N THR A 236 9.56 -8.21 -17.58
CA THR A 236 9.49 -6.78 -17.83
C THR A 236 10.84 -6.05 -17.80
N GLN A 237 11.88 -6.68 -17.27
CA GLN A 237 13.18 -6.02 -17.24
C GLN A 237 13.76 -5.92 -18.64
N LEU A 238 14.23 -4.74 -19.00
CA LEU A 238 14.79 -4.49 -20.32
C LEU A 238 16.20 -5.09 -20.45
N PRO A 239 16.51 -5.72 -21.59
CA PRO A 239 17.84 -6.30 -21.78
C PRO A 239 18.87 -5.17 -21.80
N LEU A 240 19.95 -5.35 -21.04
CA LEU A 240 20.98 -4.32 -20.94
C LEU A 240 21.49 -3.81 -22.29
N SER A 241 21.53 -4.67 -23.30
CA SER A 241 22.03 -4.28 -24.61
C SER A 241 21.14 -3.26 -25.34
N GLN A 242 19.87 -3.19 -24.96
CA GLN A 242 18.92 -2.27 -25.57
C GLN A 242 18.86 -0.92 -24.85
N LEU A 243 19.49 -0.82 -23.68
CA LEU A 243 19.43 0.40 -22.91
C LEU A 243 19.88 1.64 -23.70
N GLU A 244 21.04 1.54 -24.35
CA GLU A 244 21.58 2.65 -25.13
C GLU A 244 20.61 3.14 -26.20
N GLY A 245 20.02 2.19 -26.92
CA GLY A 245 19.08 2.55 -27.96
C GLY A 245 17.88 3.31 -27.40
N ILE A 246 17.29 2.80 -26.32
CA ILE A 246 16.13 3.44 -25.72
C ILE A 246 16.47 4.88 -25.33
N ILE A 247 17.60 5.07 -24.65
CA ILE A 247 18.02 6.39 -24.21
C ILE A 247 18.19 7.37 -25.36
N GLU A 248 19.00 7.00 -26.34
CA GLU A 248 19.21 7.86 -27.49
C GLU A 248 17.87 8.27 -28.09
N ALA A 249 16.95 7.32 -28.20
CA ALA A 249 15.64 7.60 -28.75
C ALA A 249 14.82 8.60 -27.92
N ILE A 250 14.80 8.45 -26.61
CA ILE A 250 14.01 9.38 -25.82
C ILE A 250 14.64 10.76 -25.76
N LEU A 251 15.96 10.83 -25.87
CA LEU A 251 16.63 12.14 -25.89
C LEU A 251 16.24 12.90 -27.17
N GLU A 252 16.08 12.15 -28.27
CA GLU A 252 15.71 12.74 -29.56
C GLU A 252 14.26 13.20 -29.52
N ILE A 253 13.36 12.34 -29.08
CA ILE A 253 11.96 12.71 -29.02
C ILE A 253 11.78 13.90 -28.07
N ARG A 254 12.44 13.83 -26.92
CA ARG A 254 12.39 14.89 -25.93
C ARG A 254 12.81 16.23 -26.54
N GLU A 255 13.89 16.22 -27.30
CA GLU A 255 14.40 17.44 -27.94
C GLU A 255 13.41 18.06 -28.91
N VAL A 256 12.86 17.25 -29.81
CA VAL A 256 11.92 17.78 -30.79
C VAL A 256 10.61 18.20 -30.13
N ALA A 257 10.20 17.52 -29.08
CA ALA A 257 8.95 17.85 -28.38
C ALA A 257 9.03 19.00 -27.36
N SER A 258 10.17 19.12 -26.68
CA SER A 258 10.38 20.12 -25.63
C SER A 258 9.94 21.55 -25.85
N LYS A 259 10.03 22.06 -27.07
CA LYS A 259 9.62 23.42 -27.32
C LYS A 259 8.11 23.58 -27.13
N TYR A 260 7.42 22.45 -27.11
CA TYR A 260 5.97 22.44 -26.96
C TYR A 260 5.47 22.14 -25.54
N TYR A 261 6.41 21.80 -24.66
CA TYR A 261 6.07 21.52 -23.27
C TYR A 261 5.36 22.73 -22.65
N GLU A 262 4.19 22.52 -22.04
CA GLU A 262 3.46 23.62 -21.41
C GLU A 262 4.14 24.07 -20.12
N THR A 263 3.93 25.33 -19.75
CA THR A 263 4.53 25.85 -18.53
C THR A 263 3.54 25.67 -17.37
N ILE A 264 3.98 24.95 -16.34
CA ILE A 264 3.11 24.69 -15.19
C ILE A 264 3.22 25.75 -14.08
N LYS B 3 -19.41 -18.70 15.26
CA LYS B 3 -20.65 -17.92 14.99
C LYS B 3 -20.36 -16.66 14.16
N PHE B 4 -21.41 -15.93 13.79
CA PHE B 4 -21.24 -14.74 12.98
C PHE B 4 -20.46 -13.63 13.69
N LEU B 5 -19.44 -13.12 13.02
CA LEU B 5 -18.59 -12.09 13.61
C LEU B 5 -19.06 -10.65 13.36
N VAL B 6 -18.89 -9.79 14.35
CA VAL B 6 -19.26 -8.39 14.22
C VAL B 6 -18.19 -7.54 14.90
N ILE B 7 -17.36 -6.90 14.08
CA ILE B 7 -16.29 -6.06 14.56
C ILE B 7 -16.82 -4.64 14.50
N ALA B 8 -16.79 -3.95 15.64
CA ALA B 8 -17.31 -2.59 15.68
C ALA B 8 -16.53 -1.77 16.66
N GLY B 9 -16.64 -0.46 16.54
CA GLY B 9 -15.95 0.43 17.43
C GLY B 9 -15.64 1.74 16.73
N PRO B 10 -15.02 2.72 17.40
CA PRO B 10 -14.69 4.01 16.80
C PRO B 10 -13.45 3.86 15.93
N CYS B 11 -13.37 4.65 14.86
CA CYS B 11 -12.24 4.58 13.94
C CYS B 11 -10.90 4.74 14.66
N ALA B 12 -10.71 5.88 15.29
CA ALA B 12 -9.48 6.16 15.99
C ALA B 12 -9.71 6.24 17.50
N ILE B 13 -8.66 6.00 18.27
CA ILE B 13 -8.73 6.09 19.71
C ILE B 13 -8.55 7.57 20.08
N GLU B 14 -9.66 8.29 20.10
CA GLU B 14 -9.66 9.70 20.43
C GLU B 14 -9.39 9.91 21.92
N SER B 15 -9.77 8.92 22.72
CA SER B 15 -9.55 8.97 24.18
C SER B 15 -10.05 7.68 24.83
N GLU B 16 -9.43 7.32 25.96
CA GLU B 16 -9.84 6.11 26.67
C GLU B 16 -11.31 6.28 27.01
N GLU B 17 -11.72 7.52 27.25
CA GLU B 17 -13.10 7.84 27.58
C GLU B 17 -14.04 7.35 26.46
N LEU B 18 -13.76 7.77 25.24
CA LEU B 18 -14.57 7.36 24.08
C LEU B 18 -14.60 5.85 23.91
N LEU B 19 -13.45 5.19 24.04
CA LEU B 19 -13.40 3.75 23.88
C LEU B 19 -14.25 3.02 24.91
N LEU B 20 -14.51 3.65 26.04
CA LEU B 20 -15.33 3.03 27.09
C LEU B 20 -16.81 3.24 26.84
N LYS B 21 -17.19 4.41 26.33
CA LYS B 21 -18.59 4.71 26.06
C LYS B 21 -19.11 3.82 24.91
N VAL B 22 -18.29 3.65 23.88
CA VAL B 22 -18.67 2.83 22.74
C VAL B 22 -18.61 1.36 23.16
N GLY B 23 -17.66 1.05 24.03
CA GLY B 23 -17.51 -0.32 24.51
C GLY B 23 -18.70 -0.76 25.32
N GLU B 24 -19.27 0.17 26.09
CA GLU B 24 -20.44 -0.11 26.92
C GLU B 24 -21.59 -0.59 26.04
N GLU B 25 -21.90 0.22 25.03
CA GLU B 25 -22.97 -0.10 24.09
C GLU B 25 -22.68 -1.42 23.38
N ILE B 26 -21.43 -1.65 23.03
CA ILE B 26 -21.07 -2.89 22.36
C ILE B 26 -21.26 -4.05 23.33
N LYS B 27 -20.91 -3.81 24.59
CA LYS B 27 -21.07 -4.83 25.61
C LYS B 27 -22.55 -5.22 25.73
N ARG B 28 -23.42 -4.20 25.72
CA ARG B 28 -24.86 -4.42 25.81
C ARG B 28 -25.38 -5.25 24.65
N LEU B 29 -24.95 -4.92 23.42
CA LEU B 29 -25.37 -5.67 22.25
C LEU B 29 -24.82 -7.09 22.35
N SER B 30 -23.66 -7.22 22.97
CA SER B 30 -23.00 -8.50 23.16
C SER B 30 -23.91 -9.42 23.98
N GLU B 31 -24.54 -8.82 25.00
CA GLU B 31 -25.45 -9.56 25.88
C GLU B 31 -26.79 -9.84 25.21
N LYS B 32 -27.17 -8.98 24.27
CA LYS B 32 -28.44 -9.13 23.56
C LYS B 32 -28.39 -10.12 22.39
N PHE B 33 -27.24 -10.24 21.75
CA PHE B 33 -27.09 -11.16 20.63
C PHE B 33 -26.06 -12.24 20.94
N LYS B 34 -26.45 -13.22 21.73
CA LYS B 34 -25.56 -14.31 22.12
C LYS B 34 -25.05 -15.11 20.93
N GLU B 35 -25.79 -15.10 19.83
CA GLU B 35 -25.40 -15.83 18.64
C GLU B 35 -24.36 -15.08 17.81
N VAL B 36 -23.95 -13.91 18.28
CA VAL B 36 -22.95 -13.11 17.58
C VAL B 36 -21.71 -12.89 18.41
N GLU B 37 -20.54 -13.01 17.78
CA GLU B 37 -19.28 -12.79 18.47
C GLU B 37 -18.82 -11.35 18.19
N PHE B 38 -18.98 -10.46 19.16
CA PHE B 38 -18.55 -9.08 19.00
C PHE B 38 -17.06 -8.89 19.28
N VAL B 39 -16.42 -8.04 18.47
CA VAL B 39 -15.01 -7.73 18.65
C VAL B 39 -14.88 -6.21 18.62
N PHE B 40 -14.22 -5.67 19.64
CA PHE B 40 -14.03 -4.23 19.73
C PHE B 40 -12.84 -3.84 18.87
N LYS B 41 -13.03 -2.84 18.01
CA LYS B 41 -11.96 -2.38 17.14
C LYS B 41 -11.75 -0.89 17.27
N SER B 42 -10.49 -0.49 17.17
CA SER B 42 -10.12 0.93 17.21
C SER B 42 -8.64 1.03 16.91
N SER B 43 -8.25 2.07 16.19
CA SER B 43 -6.85 2.26 15.81
C SER B 43 -6.11 3.18 16.75
N PHE B 44 -4.92 2.78 17.18
CA PHE B 44 -4.14 3.62 18.09
C PHE B 44 -3.38 4.68 17.30
N ASP B 45 -3.42 4.56 15.98
CA ASP B 45 -2.73 5.49 15.08
C ASP B 45 -3.16 5.42 13.62
N LYS B 46 -3.52 6.58 13.06
CA LYS B 46 -3.91 6.66 11.65
C LYS B 46 -2.62 6.97 10.88
N ALA B 47 -1.97 5.90 10.45
CA ALA B 47 -0.69 5.97 9.74
C ALA B 47 -0.69 6.61 8.35
N ASN B 48 -1.84 6.62 7.67
CA ASN B 48 -1.88 7.22 6.33
C ASN B 48 -2.95 8.28 6.08
N ARG B 49 -3.05 9.27 6.95
CA ARG B 49 -4.02 10.34 6.74
C ARG B 49 -3.51 11.12 5.52
N SER B 50 -4.42 11.63 4.70
CA SER B 50 -3.99 12.37 3.51
C SER B 50 -3.09 13.53 3.87
N SER B 51 -3.55 14.33 4.84
CA SER B 51 -2.81 15.50 5.27
C SER B 51 -1.89 15.25 6.46
N ILE B 52 -0.73 15.91 6.46
CA ILE B 52 0.21 15.79 7.56
C ILE B 52 -0.42 16.45 8.80
N HIS B 53 -1.28 17.44 8.54
CA HIS B 53 -1.95 18.21 9.57
C HIS B 53 -3.21 17.58 10.14
N SER B 54 -3.42 16.29 9.91
CA SER B 54 -4.60 15.61 10.45
C SER B 54 -4.29 14.89 11.75
N PHE B 55 -5.34 14.36 12.38
CA PHE B 55 -5.21 13.64 13.65
C PHE B 55 -4.72 12.22 13.43
N ARG B 56 -3.64 11.86 14.10
CA ARG B 56 -3.08 10.51 13.97
C ARG B 56 -3.44 9.68 15.19
N GLY B 57 -3.34 10.28 16.37
CA GLY B 57 -3.64 9.56 17.59
C GLY B 57 -2.74 9.95 18.74
N HIS B 58 -2.91 9.29 19.88
CA HIS B 58 -2.12 9.59 21.06
C HIS B 58 -0.93 8.67 21.26
N GLY B 59 -0.73 7.74 20.32
CA GLY B 59 0.41 6.84 20.44
C GLY B 59 0.04 5.39 20.70
N LEU B 60 0.98 4.49 20.45
CA LEU B 60 0.76 3.06 20.64
C LEU B 60 0.58 2.66 22.11
N GLU B 61 1.42 3.19 22.99
CA GLU B 61 1.33 2.88 24.41
C GLU B 61 0.00 3.31 24.99
N TYR B 62 -0.39 4.55 24.73
CA TYR B 62 -1.66 5.08 25.22
C TYR B 62 -2.82 4.30 24.64
N GLY B 63 -2.66 3.90 23.38
CA GLY B 63 -3.71 3.14 22.70
C GLY B 63 -3.89 1.76 23.26
N VAL B 64 -2.79 1.05 23.47
CA VAL B 64 -2.86 -0.31 24.02
C VAL B 64 -3.39 -0.25 25.44
N LYS B 65 -3.16 0.88 26.12
CA LYS B 65 -3.64 1.04 27.48
C LYS B 65 -5.15 1.15 27.49
N ALA B 66 -5.70 1.98 26.60
CA ALA B 66 -7.14 2.16 26.52
C ALA B 66 -7.83 0.86 26.10
N LEU B 67 -7.29 0.19 25.09
CA LEU B 67 -7.87 -1.07 24.62
C LEU B 67 -7.93 -2.07 25.77
N ARG B 68 -6.83 -2.18 26.52
CA ARG B 68 -6.76 -3.09 27.65
C ARG B 68 -7.87 -2.75 28.65
N LYS B 69 -8.15 -1.46 28.80
CA LYS B 69 -9.21 -1.01 29.70
C LYS B 69 -10.55 -1.54 29.22
N VAL B 70 -10.73 -1.57 27.91
CA VAL B 70 -11.99 -2.06 27.33
C VAL B 70 -12.15 -3.56 27.54
N LYS B 71 -11.09 -4.32 27.28
CA LYS B 71 -11.16 -5.77 27.44
C LYS B 71 -11.40 -6.14 28.90
N GLU B 72 -10.97 -5.28 29.81
CA GLU B 72 -11.11 -5.54 31.23
C GLU B 72 -12.47 -5.11 31.76
N GLU B 73 -12.84 -3.87 31.47
CA GLU B 73 -14.09 -3.31 31.95
C GLU B 73 -15.35 -3.88 31.26
N PHE B 74 -15.16 -4.66 30.20
CA PHE B 74 -16.30 -5.23 29.47
C PHE B 74 -16.09 -6.67 29.02
N GLY B 75 -14.85 -7.15 29.09
CA GLY B 75 -14.57 -8.52 28.68
C GLY B 75 -14.85 -8.79 27.20
N LEU B 76 -14.62 -7.78 26.37
CA LEU B 76 -14.82 -7.88 24.93
C LEU B 76 -13.51 -8.18 24.19
N LYS B 77 -13.55 -9.05 23.19
CA LYS B 77 -12.34 -9.34 22.43
C LYS B 77 -11.84 -8.04 21.79
N ILE B 78 -10.55 -7.98 21.48
CA ILE B 78 -9.97 -6.78 20.91
C ILE B 78 -9.23 -6.98 19.58
N THR B 79 -9.27 -5.94 18.75
CA THR B 79 -8.59 -5.95 17.46
C THR B 79 -8.16 -4.53 17.15
N THR B 80 -6.93 -4.38 16.68
CA THR B 80 -6.41 -3.07 16.30
C THR B 80 -5.44 -3.35 15.17
N ASP B 81 -5.07 -2.31 14.43
CA ASP B 81 -4.17 -2.48 13.28
C ASP B 81 -2.71 -2.10 13.54
N ILE B 82 -1.79 -2.83 12.92
CA ILE B 82 -0.36 -2.56 13.05
C ILE B 82 0.17 -2.04 11.71
N HIS B 83 1.20 -1.20 11.76
CA HIS B 83 1.76 -0.60 10.55
C HIS B 83 3.19 -1.02 10.24
N GLU B 84 3.96 -1.35 11.26
CA GLU B 84 5.33 -1.80 11.04
C GLU B 84 5.56 -3.06 11.86
N SER B 85 6.43 -3.94 11.36
CA SER B 85 6.74 -5.21 12.00
C SER B 85 6.95 -5.21 13.52
N TRP B 86 7.68 -4.22 14.01
CA TRP B 86 7.97 -4.13 15.44
C TRP B 86 6.75 -3.96 16.35
N GLN B 87 5.62 -3.54 15.79
CA GLN B 87 4.43 -3.33 16.59
C GLN B 87 3.57 -4.57 16.80
N ALA B 88 3.91 -5.66 16.12
CA ALA B 88 3.17 -6.91 16.23
C ALA B 88 3.19 -7.50 17.63
N GLU B 89 4.36 -7.50 18.27
CA GLU B 89 4.50 -8.06 19.61
C GLU B 89 3.76 -7.27 20.71
N PRO B 90 4.07 -5.97 20.86
CA PRO B 90 3.41 -5.16 21.90
C PRO B 90 1.89 -5.11 21.78
N VAL B 91 1.39 -5.14 20.54
CA VAL B 91 -0.05 -5.09 20.30
C VAL B 91 -0.74 -6.43 20.58
N ALA B 92 -0.05 -7.53 20.29
CA ALA B 92 -0.60 -8.87 20.51
C ALA B 92 -0.90 -9.14 21.99
N GLU B 93 -0.50 -8.21 22.86
CA GLU B 93 -0.72 -8.33 24.30
C GLU B 93 -2.19 -8.08 24.65
N VAL B 94 -2.82 -7.19 23.89
CA VAL B 94 -4.23 -6.84 24.12
C VAL B 94 -5.12 -7.26 22.96
N ALA B 95 -4.54 -7.29 21.75
CA ALA B 95 -5.31 -7.64 20.57
C ALA B 95 -5.50 -9.13 20.31
N ASP B 96 -6.76 -9.55 20.25
CA ASP B 96 -7.11 -10.94 19.99
C ASP B 96 -6.96 -11.20 18.50
N ILE B 97 -7.11 -10.13 17.71
CA ILE B 97 -6.98 -10.21 16.26
C ILE B 97 -6.16 -9.01 15.80
N ILE B 98 -5.04 -9.26 15.15
CA ILE B 98 -4.19 -8.19 14.63
C ILE B 98 -4.71 -7.84 13.25
N GLN B 99 -4.95 -6.55 13.00
CA GLN B 99 -5.49 -6.10 11.71
C GLN B 99 -4.39 -5.52 10.83
N ILE B 100 -4.30 -6.03 9.59
CA ILE B 100 -3.33 -5.57 8.60
C ILE B 100 -4.02 -4.57 7.68
N PRO B 101 -3.55 -3.32 7.65
CA PRO B 101 -4.14 -2.27 6.80
C PRO B 101 -4.16 -2.66 5.32
N ALA B 102 -5.20 -2.24 4.61
CA ALA B 102 -5.37 -2.55 3.19
C ALA B 102 -4.12 -2.26 2.32
N PHE B 103 -3.53 -1.08 2.49
CA PHE B 103 -2.33 -0.72 1.72
C PHE B 103 -1.13 -1.61 2.01
N LEU B 104 -1.12 -2.25 3.18
CA LEU B 104 0.00 -3.09 3.57
C LEU B 104 -0.24 -4.59 3.44
N CYS B 105 -1.36 -4.98 2.84
CA CYS B 105 -1.67 -6.41 2.71
C CYS B 105 -0.62 -7.25 1.99
N GLY B 106 0.35 -6.60 1.38
CA GLY B 106 1.38 -7.34 0.68
C GLY B 106 2.75 -7.26 1.31
N GLN B 107 2.85 -6.60 2.47
CA GLN B 107 4.14 -6.47 3.16
C GLN B 107 4.47 -7.74 3.93
N THR B 108 5.17 -8.66 3.28
CA THR B 108 5.56 -9.93 3.88
C THR B 108 6.06 -9.86 5.33
N ASP B 109 6.93 -8.89 5.63
CA ASP B 109 7.46 -8.77 6.98
C ASP B 109 6.40 -8.41 8.02
N LEU B 110 5.43 -7.59 7.64
CA LEU B 110 4.36 -7.16 8.53
C LEU B 110 3.41 -8.32 8.79
N LEU B 111 3.26 -9.18 7.79
CA LEU B 111 2.38 -10.34 7.89
C LEU B 111 3.00 -11.45 8.73
N LEU B 112 4.28 -11.71 8.48
CA LEU B 112 4.99 -12.76 9.22
C LEU B 112 5.06 -12.39 10.70
N ALA B 113 5.25 -11.11 10.99
CA ALA B 113 5.32 -10.63 12.37
C ALA B 113 3.98 -10.83 13.07
N ALA B 114 2.89 -10.53 12.35
CA ALA B 114 1.54 -10.69 12.90
C ALA B 114 1.28 -12.17 13.18
N ALA B 115 1.71 -13.02 12.25
CA ALA B 115 1.53 -14.46 12.40
C ALA B 115 2.31 -15.01 13.60
N LYS B 116 3.50 -14.47 13.82
CA LYS B 116 4.36 -14.91 14.92
C LYS B 116 3.78 -14.76 16.32
N THR B 117 2.99 -13.70 16.54
CA THR B 117 2.41 -13.48 17.86
C THR B 117 1.42 -14.58 18.26
N GLY B 118 1.12 -15.48 17.32
CA GLY B 118 0.18 -16.56 17.58
C GLY B 118 -1.29 -16.16 17.48
N ARG B 119 -1.55 -14.85 17.58
CA ARG B 119 -2.92 -14.30 17.51
C ARG B 119 -3.59 -14.52 16.16
N ALA B 120 -4.86 -14.09 16.09
CA ALA B 120 -5.62 -14.21 14.85
C ALA B 120 -5.26 -12.99 13.98
N VAL B 121 -5.27 -13.18 12.66
CA VAL B 121 -4.95 -12.10 11.75
C VAL B 121 -6.08 -11.79 10.76
N ASN B 122 -6.39 -10.50 10.63
CA ASN B 122 -7.43 -10.05 9.70
C ASN B 122 -6.77 -9.13 8.69
N VAL B 123 -6.63 -9.61 7.46
CA VAL B 123 -6.02 -8.83 6.39
C VAL B 123 -7.06 -8.05 5.58
N LYS B 124 -6.86 -6.75 5.43
CA LYS B 124 -7.76 -5.92 4.64
C LYS B 124 -7.30 -6.07 3.18
N LYS B 125 -8.19 -6.54 2.30
CA LYS B 125 -7.83 -6.69 0.89
C LYS B 125 -7.57 -5.33 0.25
N GLY B 126 -6.36 -5.15 -0.25
CA GLY B 126 -6.01 -3.88 -0.87
C GLY B 126 -6.94 -3.50 -2.01
N GLN B 127 -7.16 -2.20 -2.18
CA GLN B 127 -8.01 -1.65 -3.23
C GLN B 127 -7.49 -1.99 -4.63
N PHE B 128 -6.22 -2.34 -4.71
CA PHE B 128 -5.56 -2.66 -5.96
C PHE B 128 -5.47 -4.16 -6.22
N LEU B 129 -5.91 -4.95 -5.24
CA LEU B 129 -5.81 -6.42 -5.33
C LEU B 129 -7.02 -7.17 -5.85
N ALA B 130 -6.77 -8.14 -6.74
CA ALA B 130 -7.85 -8.97 -7.28
C ALA B 130 -8.19 -10.01 -6.21
N PRO B 131 -9.45 -10.44 -6.12
CA PRO B 131 -9.91 -11.42 -5.13
C PRO B 131 -9.04 -12.68 -5.02
N TRP B 132 -8.81 -13.33 -6.16
CA TRP B 132 -8.04 -14.56 -6.23
C TRP B 132 -6.58 -14.38 -5.81
N ASP B 133 -6.10 -13.14 -5.82
CA ASP B 133 -4.72 -12.87 -5.43
C ASP B 133 -4.55 -12.79 -3.92
N THR B 134 -5.63 -13.03 -3.17
CA THR B 134 -5.54 -13.01 -1.72
C THR B 134 -5.12 -14.39 -1.24
N LYS B 135 -5.12 -15.36 -2.16
CA LYS B 135 -4.71 -16.72 -1.82
C LYS B 135 -3.28 -16.66 -1.27
N ASN B 136 -2.43 -15.93 -1.98
CA ASN B 136 -1.04 -15.77 -1.57
C ASN B 136 -0.85 -15.07 -0.23
N VAL B 137 -1.77 -14.17 0.12
CA VAL B 137 -1.70 -13.46 1.39
C VAL B 137 -1.92 -14.44 2.54
N VAL B 138 -2.91 -15.30 2.39
CA VAL B 138 -3.22 -16.31 3.40
C VAL B 138 -2.06 -17.30 3.53
N GLU B 139 -1.48 -17.70 2.40
CA GLU B 139 -0.37 -18.66 2.41
C GLU B 139 0.82 -18.11 3.18
N LYS B 140 1.12 -16.84 3.01
CA LYS B 140 2.24 -16.24 3.73
C LYS B 140 1.99 -16.33 5.23
N LEU B 141 0.73 -16.13 5.63
CA LEU B 141 0.38 -16.19 7.04
C LEU B 141 0.44 -17.61 7.59
N LYS B 142 0.04 -18.59 6.78
CA LYS B 142 0.10 -19.98 7.22
C LYS B 142 1.57 -20.35 7.42
N PHE B 143 2.42 -19.90 6.50
CA PHE B 143 3.85 -20.16 6.56
C PHE B 143 4.44 -19.55 7.83
N GLY B 144 3.84 -18.44 8.28
CA GLY B 144 4.30 -17.76 9.47
C GLY B 144 3.66 -18.26 10.74
N GLY B 145 2.86 -19.32 10.62
CA GLY B 145 2.21 -19.91 11.79
C GLY B 145 0.83 -19.41 12.17
N ALA B 146 0.16 -18.72 11.26
CA ALA B 146 -1.17 -18.21 11.53
C ALA B 146 -2.16 -19.34 11.33
N LYS B 147 -3.20 -19.38 12.16
CA LYS B 147 -4.22 -20.42 12.05
C LYS B 147 -5.63 -19.86 11.87
N GLU B 148 -5.90 -18.74 12.52
CA GLU B 148 -7.21 -18.09 12.40
C GLU B 148 -6.94 -16.89 11.48
N ILE B 149 -7.34 -17.01 10.23
CA ILE B 149 -7.10 -15.98 9.24
C ILE B 149 -8.37 -15.42 8.60
N TYR B 150 -8.50 -14.09 8.62
CA TYR B 150 -9.65 -13.42 8.02
C TYR B 150 -9.27 -12.47 6.88
N LEU B 151 -10.08 -12.48 5.83
CA LEU B 151 -9.87 -11.59 4.69
C LEU B 151 -11.05 -10.62 4.70
N THR B 152 -10.77 -9.31 4.68
CA THR B 152 -11.87 -8.35 4.69
C THR B 152 -12.04 -7.57 3.40
N GLU B 153 -13.25 -7.60 2.88
CA GLU B 153 -13.60 -6.89 1.65
C GLU B 153 -13.84 -5.42 2.00
N ARG B 154 -13.11 -4.51 1.38
CA ARG B 154 -13.31 -3.09 1.65
C ARG B 154 -13.37 -2.24 0.38
N GLY B 155 -13.79 -2.84 -0.71
CA GLY B 155 -13.90 -2.09 -1.95
C GLY B 155 -12.69 -2.15 -2.87
N THR B 156 -12.91 -1.85 -4.15
CA THR B 156 -11.84 -1.89 -5.14
C THR B 156 -11.72 -0.57 -5.91
N THR B 157 -10.50 -0.18 -6.24
CA THR B 157 -10.28 1.08 -6.97
C THR B 157 -11.09 1.08 -8.27
N PHE B 158 -11.92 2.09 -8.43
CA PHE B 158 -12.77 2.22 -9.60
C PHE B 158 -12.63 3.65 -10.11
N GLY B 159 -11.68 3.85 -11.01
CA GLY B 159 -11.44 5.18 -11.52
C GLY B 159 -10.77 5.94 -10.39
N TYR B 160 -10.90 7.26 -10.39
CA TYR B 160 -10.28 8.06 -9.35
C TYR B 160 -11.22 8.46 -8.21
N ASN B 161 -10.68 8.45 -6.99
CA ASN B 161 -11.43 8.85 -5.81
C ASN B 161 -12.74 8.11 -5.63
N ASN B 162 -12.74 6.82 -5.98
CA ASN B 162 -13.95 6.04 -5.85
C ASN B 162 -13.68 4.57 -5.67
N LEU B 163 -14.53 3.91 -4.91
CA LEU B 163 -14.37 2.48 -4.68
C LEU B 163 -15.66 1.78 -5.02
N VAL B 164 -15.56 0.58 -5.57
CA VAL B 164 -16.74 -0.18 -5.87
C VAL B 164 -16.59 -1.51 -5.12
N VAL B 165 -17.71 -2.09 -4.70
CA VAL B 165 -17.67 -3.38 -4.03
C VAL B 165 -18.11 -4.45 -5.01
N ASP B 166 -17.19 -5.31 -5.40
CA ASP B 166 -17.48 -6.40 -6.31
C ASP B 166 -17.80 -7.62 -5.43
N PHE B 167 -19.10 -7.85 -5.19
CA PHE B 167 -19.50 -8.95 -4.32
C PHE B 167 -19.12 -10.35 -4.79
N ARG B 168 -18.57 -10.45 -5.98
CA ARG B 168 -18.14 -11.77 -6.43
C ARG B 168 -16.96 -12.18 -5.55
N SER B 169 -16.22 -11.18 -5.04
CA SER B 169 -15.06 -11.40 -4.20
C SER B 169 -15.35 -12.22 -2.94
N LEU B 170 -16.55 -12.07 -2.37
CA LEU B 170 -16.89 -12.80 -1.15
C LEU B 170 -16.80 -14.32 -1.34
N PRO B 171 -17.53 -14.90 -2.31
CA PRO B 171 -17.41 -16.34 -2.45
C PRO B 171 -16.02 -16.78 -2.90
N ILE B 172 -15.33 -15.92 -3.65
CA ILE B 172 -13.99 -16.26 -4.12
C ILE B 172 -12.98 -16.37 -2.96
N MET B 173 -12.93 -15.37 -2.10
CA MET B 173 -12.00 -15.36 -0.98
C MET B 173 -12.35 -16.44 0.05
N LYS B 174 -13.63 -16.73 0.18
CA LYS B 174 -14.11 -17.75 1.11
C LYS B 174 -13.46 -19.11 0.89
N GLN B 175 -12.90 -19.33 -0.30
CA GLN B 175 -12.26 -20.59 -0.61
C GLN B 175 -11.04 -20.84 0.28
N TRP B 176 -10.41 -19.78 0.76
CA TRP B 176 -9.22 -19.94 1.59
C TRP B 176 -9.17 -19.15 2.89
N ALA B 177 -10.28 -18.53 3.28
CA ALA B 177 -10.32 -17.80 4.53
C ALA B 177 -11.74 -17.42 4.93
N LYS B 178 -11.88 -16.91 6.14
CA LYS B 178 -13.20 -16.48 6.60
C LYS B 178 -13.27 -15.05 6.09
N VAL B 179 -14.35 -14.73 5.41
CA VAL B 179 -14.51 -13.42 4.82
C VAL B 179 -15.31 -12.45 5.68
N ILE B 180 -14.77 -11.25 5.82
CA ILE B 180 -15.42 -10.20 6.59
C ILE B 180 -15.74 -9.05 5.64
N TYR B 181 -16.88 -8.42 5.84
CA TYR B 181 -17.25 -7.31 4.98
C TYR B 181 -17.14 -6.00 5.76
N ASP B 182 -16.29 -5.11 5.27
CA ASP B 182 -16.08 -3.79 5.89
C ASP B 182 -17.17 -2.88 5.32
N ALA B 183 -18.23 -2.67 6.09
CA ALA B 183 -19.36 -1.85 5.66
C ALA B 183 -19.10 -0.36 5.69
N THR B 184 -18.03 0.05 6.35
CA THR B 184 -17.68 1.45 6.49
C THR B 184 -16.72 2.04 5.45
N HIS B 185 -15.59 1.39 5.22
CA HIS B 185 -14.64 1.94 4.27
C HIS B 185 -14.99 1.64 2.81
N SER B 186 -15.95 0.76 2.59
CA SER B 186 -16.35 0.39 1.24
C SER B 186 -17.13 1.47 0.53
N VAL B 187 -17.65 2.45 1.27
CA VAL B 187 -18.44 3.49 0.65
C VAL B 187 -17.74 4.85 0.65
N GLN B 188 -16.58 4.92 1.28
CA GLN B 188 -15.84 6.18 1.32
C GLN B 188 -15.12 6.48 0.01
N LEU B 189 -15.09 7.75 -0.36
CA LEU B 189 -14.45 8.20 -1.59
C LEU B 189 -13.01 8.62 -1.28
N PRO B 190 -12.02 7.79 -1.69
CA PRO B 190 -10.60 8.05 -1.46
C PRO B 190 -10.12 9.45 -1.86
N GLY B 191 -9.22 10.01 -1.05
CA GLY B 191 -8.69 11.33 -1.33
C GLY B 191 -9.70 12.41 -1.04
N GLY B 198 -20.43 8.12 -4.31
CA GLY B 198 -21.77 8.30 -3.78
C GLY B 198 -21.80 8.98 -2.41
N GLY B 199 -23.01 9.33 -1.96
CA GLY B 199 -23.18 9.98 -0.68
C GLY B 199 -22.69 9.21 0.54
N MET B 200 -21.79 8.25 0.30
CA MET B 200 -21.19 7.45 1.37
C MET B 200 -22.16 6.85 2.40
N ARG B 201 -22.51 7.62 3.41
CA ARG B 201 -23.39 7.16 4.49
C ARG B 201 -24.66 6.44 4.06
N GLU B 202 -25.41 7.02 3.15
CA GLU B 202 -26.66 6.43 2.66
C GLU B 202 -26.50 5.03 2.08
N PHE B 203 -25.28 4.65 1.69
CA PHE B 203 -25.06 3.34 1.09
C PHE B 203 -24.52 2.26 2.04
N ILE B 204 -24.19 2.64 3.27
CA ILE B 204 -23.65 1.70 4.25
C ILE B 204 -24.59 0.53 4.55
N PHE B 205 -25.84 0.85 4.89
CA PHE B 205 -26.81 -0.19 5.23
C PHE B 205 -27.16 -1.05 4.00
N PRO B 206 -27.59 -0.43 2.89
CA PRO B 206 -27.92 -1.22 1.70
C PRO B 206 -26.84 -2.24 1.31
N LEU B 207 -25.57 -1.83 1.36
CA LEU B 207 -24.50 -2.74 0.99
C LEU B 207 -24.25 -3.83 2.04
N ILE B 208 -24.50 -3.52 3.31
CA ILE B 208 -24.32 -4.51 4.36
C ILE B 208 -25.34 -5.62 4.08
N ARG B 209 -26.55 -5.22 3.72
CA ARG B 209 -27.60 -6.20 3.43
C ARG B 209 -27.21 -7.11 2.28
N ALA B 210 -26.56 -6.55 1.27
CA ALA B 210 -26.13 -7.32 0.11
C ALA B 210 -25.07 -8.31 0.53
N ALA B 211 -24.19 -7.86 1.43
CA ALA B 211 -23.09 -8.67 1.92
C ALA B 211 -23.59 -9.92 2.61
N VAL B 212 -24.58 -9.77 3.49
CA VAL B 212 -25.09 -10.94 4.18
C VAL B 212 -25.99 -11.78 3.27
N ALA B 213 -26.65 -11.16 2.28
CA ALA B 213 -27.49 -11.93 1.38
C ALA B 213 -26.60 -12.82 0.53
N VAL B 214 -25.42 -12.32 0.20
CA VAL B 214 -24.45 -13.08 -0.60
C VAL B 214 -23.82 -14.16 0.25
N GLY B 215 -23.42 -13.78 1.46
CA GLY B 215 -22.79 -14.72 2.37
C GLY B 215 -21.37 -14.35 2.79
N CYS B 216 -21.21 -13.99 4.05
CA CYS B 216 -19.92 -13.65 4.60
C CYS B 216 -19.91 -14.14 6.05
N ASP B 217 -18.72 -14.35 6.63
CA ASP B 217 -18.63 -14.84 8.00
C ASP B 217 -18.64 -13.75 9.06
N GLY B 218 -18.70 -12.49 8.64
CA GLY B 218 -18.72 -11.42 9.61
C GLY B 218 -18.79 -10.05 8.97
N VAL B 219 -19.01 -9.03 9.79
CA VAL B 219 -19.10 -7.67 9.29
C VAL B 219 -18.28 -6.71 10.15
N PHE B 220 -17.68 -5.73 9.51
CA PHE B 220 -16.85 -4.72 10.15
C PHE B 220 -17.56 -3.38 10.03
N MET B 221 -17.79 -2.71 11.16
CA MET B 221 -18.48 -1.42 11.18
C MET B 221 -17.87 -0.42 12.13
N GLU B 222 -17.50 0.76 11.63
CA GLU B 222 -16.97 1.77 12.51
C GLU B 222 -18.17 2.56 13.02
N THR B 223 -18.26 2.70 14.34
CA THR B 223 -19.35 3.43 14.95
C THR B 223 -18.81 4.47 15.94
N HIS B 224 -19.50 5.59 16.03
CA HIS B 224 -19.09 6.69 16.90
C HIS B 224 -20.34 7.38 17.44
N PRO B 225 -20.34 7.74 18.74
CA PRO B 225 -21.48 8.41 19.36
C PRO B 225 -21.93 9.64 18.57
N GLU B 226 -20.96 10.41 18.09
CA GLU B 226 -21.26 11.59 17.30
C GLU B 226 -20.31 11.65 16.12
N PRO B 227 -20.64 10.93 15.04
CA PRO B 227 -19.80 10.90 13.83
C PRO B 227 -19.30 12.28 13.40
N GLU B 228 -20.23 13.25 13.40
CA GLU B 228 -19.92 14.63 13.01
C GLU B 228 -18.70 15.21 13.75
N LYS B 229 -18.50 14.78 14.99
CA LYS B 229 -17.40 15.27 15.80
C LYS B 229 -16.19 14.33 15.83
N ALA B 230 -16.25 13.26 15.05
CA ALA B 230 -15.15 12.30 14.99
C ALA B 230 -13.91 12.94 14.37
N LEU B 231 -12.74 12.52 14.83
CA LEU B 231 -11.49 13.05 14.33
C LEU B 231 -10.99 12.34 13.07
N SER B 232 -11.68 11.28 12.70
CA SER B 232 -11.32 10.50 11.52
C SER B 232 -12.58 9.84 10.95
N ASP B 233 -12.71 9.84 9.63
CA ASP B 233 -13.87 9.25 8.96
C ASP B 233 -15.20 9.72 9.57
N ALA B 234 -15.32 11.02 9.82
CA ALA B 234 -16.53 11.56 10.43
C ALA B 234 -17.76 11.44 9.53
N SER B 235 -17.55 11.21 8.24
CA SER B 235 -18.66 11.12 7.30
C SER B 235 -19.13 9.69 7.03
N THR B 236 -18.33 8.70 7.40
CA THR B 236 -18.71 7.30 7.17
C THR B 236 -18.88 6.47 8.44
N GLN B 237 -18.65 7.07 9.60
CA GLN B 237 -18.81 6.34 10.85
C GLN B 237 -20.27 6.35 11.29
N LEU B 238 -20.79 5.16 11.52
CA LEU B 238 -22.19 4.97 11.91
C LEU B 238 -22.48 5.46 13.33
N PRO B 239 -23.60 6.18 13.51
CA PRO B 239 -23.98 6.69 14.83
C PRO B 239 -24.28 5.49 15.74
N LEU B 240 -23.68 5.46 16.92
CA LEU B 240 -23.88 4.36 17.88
C LEU B 240 -25.33 3.88 18.02
N SER B 241 -26.25 4.82 18.13
CA SER B 241 -27.65 4.50 18.29
C SER B 241 -28.23 3.63 17.19
N GLN B 242 -27.63 3.67 16.00
CA GLN B 242 -28.12 2.90 14.86
C GLN B 242 -27.57 1.49 14.77
N LEU B 243 -26.52 1.20 15.52
CA LEU B 243 -25.89 -0.11 15.47
C LEU B 243 -26.81 -1.30 15.78
N GLU B 244 -27.63 -1.18 16.83
CA GLU B 244 -28.54 -2.27 17.21
C GLU B 244 -29.46 -2.69 16.08
N GLY B 245 -30.13 -1.72 15.48
CA GLY B 245 -31.04 -2.00 14.38
C GLY B 245 -30.39 -2.70 13.19
N ILE B 246 -29.20 -2.25 12.78
CA ILE B 246 -28.52 -2.85 11.64
C ILE B 246 -28.09 -4.29 11.92
N ILE B 247 -27.65 -4.55 13.15
CA ILE B 247 -27.25 -5.92 13.54
C ILE B 247 -28.47 -6.83 13.49
N GLU B 248 -29.55 -6.41 14.14
CA GLU B 248 -30.78 -7.18 14.14
C GLU B 248 -31.18 -7.46 12.69
N ALA B 249 -31.13 -6.44 11.85
CA ALA B 249 -31.48 -6.58 10.44
C ALA B 249 -30.57 -7.57 9.70
N ILE B 250 -29.27 -7.54 9.95
CA ILE B 250 -28.42 -8.46 9.24
C ILE B 250 -28.53 -9.90 9.73
N LEU B 251 -28.94 -10.08 10.98
CA LEU B 251 -29.12 -11.43 11.52
C LEU B 251 -30.38 -12.04 10.88
N GLU B 252 -31.43 -11.23 10.74
CA GLU B 252 -32.67 -11.71 10.13
C GLU B 252 -32.45 -12.08 8.66
N ILE B 253 -31.79 -11.19 7.90
CA ILE B 253 -31.53 -11.47 6.48
C ILE B 253 -30.66 -12.72 6.37
N ARG B 254 -29.65 -12.79 7.21
CA ARG B 254 -28.74 -13.93 7.23
C ARG B 254 -29.51 -15.23 7.46
N GLU B 255 -30.38 -15.20 8.46
CA GLU B 255 -31.18 -16.37 8.81
C GLU B 255 -31.88 -16.94 7.59
N VAL B 256 -32.54 -16.07 6.84
CA VAL B 256 -33.26 -16.51 5.66
C VAL B 256 -32.35 -16.85 4.48
N ALA B 257 -31.37 -16.00 4.20
CA ALA B 257 -30.46 -16.19 3.08
C ALA B 257 -29.49 -17.37 3.23
N SER B 258 -29.01 -17.59 4.45
CA SER B 258 -28.05 -18.66 4.71
C SER B 258 -28.48 -19.98 4.10
N LYS B 259 -29.77 -20.19 3.95
CA LYS B 259 -30.25 -21.42 3.34
C LYS B 259 -29.67 -21.58 1.93
N TYR B 260 -29.30 -20.47 1.29
CA TYR B 260 -28.80 -20.55 -0.08
C TYR B 260 -27.33 -20.30 -0.33
N TYR B 261 -26.56 -20.06 0.73
CA TYR B 261 -25.13 -19.85 0.55
C TYR B 261 -24.55 -21.08 -0.13
N GLU B 262 -23.82 -20.89 -1.23
CA GLU B 262 -23.22 -22.01 -1.94
C GLU B 262 -22.06 -22.60 -1.13
N THR B 263 -21.77 -23.87 -1.35
CA THR B 263 -20.68 -24.55 -0.63
C THR B 263 -19.30 -24.21 -1.22
N ILE B 264 -18.39 -23.78 -0.35
CA ILE B 264 -17.02 -23.40 -0.72
C ILE B 264 -16.43 -24.13 -1.93
#